data_7G9R
#
_entry.id   7G9R
#
_cell.length_a   53.668
_cell.length_b   69.710
_cell.length_c   57.643
_cell.angle_alpha   90.000
_cell.angle_beta   92.320
_cell.angle_gamma   90.000
#
_symmetry.space_group_name_H-M   'P 1 21 1'
#
loop_
_entity.id
_entity.type
_entity.pdbx_description
1 polymer 'Serine protease NS3'
2 non-polymer 1,2-ETHANEDIOL
3 non-polymer 'PHOSPHATE ION'
4 non-polymer (4S)-2-METHYL-2,4-PENTANEDIOL
5 non-polymer 2-(difluoromethoxy)benzene-1-sulfonamide
6 water water
#
_entity_poly.entity_id   1
_entity_poly.type   'polypeptide(L)'
_entity_poly.pdbx_seq_one_letter_code
;MLKKKQLTVLDLHPGAGKTRRVLPEIVREAIKKRLRTVILAPTRVVAAEMEEALRGLPVRYMTTAVNVTHSGTEIVDLMC
HATFTSRLLQPIRVPNYNLNIMDEAHFTDPSSIAARGYISTRVEMGEAAAIFMTATPPGTRDAFPDSNSPIMDTEVEVPE
RAWSSGFDWVTDHSGKTVWFVPSVRNGNEIAACLTKAGKRVIQLSRKTFETEFQKTKNQEWDFVITTDISEMGANFKADR
VIDSRRCLKPVILDGERVILAGPMPVTHASAAQRRGRIGRNPNKPGDEYMYGGGCAETDEGHAHWLEARMLLDNIYLQDG
LIASLYRPEADKVAAIEGEFKLRTEQRKTFVELMKRGDLPVWLAYQVASAGITYTDRRWCFDGTTNNTIMEDSVPAEVWT
KYGEKRVLKPRWMDARVCSDHAALKSFKEFAAGKR
;
_entity_poly.pdbx_strand_id   A
#
loop_
_chem_comp.id
_chem_comp.type
_chem_comp.name
_chem_comp.formula
EDO non-polymer 1,2-ETHANEDIOL 'C2 H6 O2'
LL0 non-polymer 2-(difluoromethoxy)benzene-1-sulfonamide 'C7 H7 F2 N O3 S'
MPD non-polymer (4S)-2-METHYL-2,4-PENTANEDIOL 'C6 H14 O2'
PO4 non-polymer 'PHOSPHATE ION' 'O4 P -3'
#
# COMPACT_ATOMS: atom_id res chain seq x y z
N MET A 1 -27.08 -2.78 7.67
CA MET A 1 -26.21 -2.30 6.60
C MET A 1 -25.90 -3.35 5.52
N LEU A 2 -26.49 -4.55 5.61
CA LEU A 2 -26.17 -5.63 4.68
C LEU A 2 -27.08 -5.70 3.44
N LYS A 3 -28.07 -4.77 3.32
CA LYS A 3 -28.99 -4.70 2.19
C LYS A 3 -28.33 -4.21 0.91
N LYS A 4 -28.71 -4.80 -0.23
CA LYS A 4 -28.22 -4.42 -1.57
C LYS A 4 -28.32 -2.89 -1.81
N LYS A 5 -27.55 -2.38 -2.78
CA LYS A 5 -27.48 -0.95 -3.14
C LYS A 5 -26.94 -0.05 -2.02
N GLN A 6 -26.46 -0.60 -0.88
CA GLN A 6 -25.95 0.25 0.20
C GLN A 6 -24.41 0.16 0.42
N LEU A 7 -23.76 1.31 0.45
CA LEU A 7 -22.33 1.38 0.73
C LEU A 7 -22.20 2.13 2.04
N THR A 8 -21.64 1.47 3.02
CA THR A 8 -21.49 2.03 4.36
C THR A 8 -20.04 2.29 4.71
N VAL A 9 -19.73 3.49 5.22
CA VAL A 9 -18.38 3.79 5.67
C VAL A 9 -18.37 3.64 7.22
N LEU A 10 -17.65 2.65 7.75
CA LEU A 10 -17.56 2.46 9.20
C LEU A 10 -16.32 3.26 9.62
N ASP A 11 -16.53 4.50 10.08
CA ASP A 11 -15.40 5.37 10.40
C ASP A 11 -15.16 5.59 11.92
N LEU A 12 -15.17 4.52 12.71
CA LEU A 12 -14.85 4.63 14.15
C LEU A 12 -13.35 5.01 14.27
N HIS A 13 -12.99 5.79 15.31
CA HIS A 13 -11.60 6.25 15.52
C HIS A 13 -10.57 5.09 15.57
N PRO A 14 -9.26 5.37 15.36
CA PRO A 14 -8.27 4.28 15.43
C PRO A 14 -8.27 3.56 16.79
N GLY A 15 -8.27 2.23 16.76
CA GLY A 15 -8.31 1.40 17.96
C GLY A 15 -9.68 1.21 18.57
N ALA A 16 -10.75 1.62 17.85
CA ALA A 16 -12.11 1.46 18.36
C ALA A 16 -12.70 0.05 18.26
N GLY A 17 -11.95 -0.90 17.71
CA GLY A 17 -12.43 -2.28 17.61
C GLY A 17 -13.15 -2.63 16.32
N LYS A 18 -12.82 -1.96 15.22
CA LYS A 18 -13.44 -2.28 13.92
C LYS A 18 -13.14 -3.71 13.50
N THR A 19 -11.87 -4.13 13.62
CA THR A 19 -11.45 -5.47 13.23
C THR A 19 -11.78 -6.60 14.23
N ARG A 20 -11.45 -6.41 15.52
CA ARG A 20 -11.67 -7.47 16.50
C ARG A 20 -13.10 -7.58 17.02
N ARG A 21 -13.85 -6.47 17.05
CA ARG A 21 -15.22 -6.51 17.56
C ARG A 21 -16.30 -6.38 16.49
N VAL A 22 -16.22 -5.37 15.60
CA VAL A 22 -17.28 -5.17 14.61
C VAL A 22 -17.26 -6.25 13.51
N LEU A 23 -16.10 -6.46 12.86
CA LEU A 23 -15.99 -7.45 11.77
C LEU A 23 -16.60 -8.86 12.10
N PRO A 24 -16.39 -9.50 13.28
CA PRO A 24 -17.02 -10.80 13.53
C PRO A 24 -18.55 -10.75 13.59
N GLU A 25 -19.10 -9.63 14.11
CA GLU A 25 -20.54 -9.46 14.18
C GLU A 25 -21.11 -9.32 12.76
N ILE A 26 -20.44 -8.55 11.89
CA ILE A 26 -20.88 -8.42 10.48
C ILE A 26 -20.85 -9.78 9.79
N VAL A 27 -19.76 -10.55 9.96
CA VAL A 27 -19.63 -11.87 9.38
C VAL A 27 -20.74 -12.83 9.85
N ARG A 28 -21.09 -12.84 11.16
CA ARG A 28 -22.19 -13.69 11.64
C ARG A 28 -23.50 -13.33 10.97
N GLU A 29 -23.79 -12.02 10.87
CA GLU A 29 -25.03 -11.57 10.23
C GLU A 29 -25.05 -11.94 8.75
N ALA A 30 -23.92 -11.80 8.06
CA ALA A 30 -23.84 -12.15 6.64
C ALA A 30 -24.07 -13.66 6.43
N ILE A 31 -23.49 -14.50 7.29
CA ILE A 31 -23.67 -15.96 7.25
C ILE A 31 -25.17 -16.29 7.50
N LYS A 32 -25.80 -15.69 8.52
CA LYS A 32 -27.22 -15.86 8.84
C LYS A 32 -28.13 -15.53 7.64
N LYS A 33 -27.79 -14.48 6.86
CA LYS A 33 -28.56 -14.08 5.68
C LYS A 33 -28.13 -14.72 4.37
N ARG A 34 -27.18 -15.67 4.43
CA ARG A 34 -26.69 -16.37 3.26
C ARG A 34 -26.14 -15.43 2.20
N LEU A 35 -25.34 -14.45 2.62
CA LEU A 35 -24.73 -13.54 1.67
C LEU A 35 -23.38 -14.07 1.31
N ARG A 36 -23.10 -14.21 0.00
CA ARG A 36 -21.78 -14.62 -0.46
C ARG A 36 -20.86 -13.39 -0.19
N THR A 37 -19.86 -13.54 0.69
CA THR A 37 -19.11 -12.39 1.18
C THR A 37 -17.61 -12.41 0.94
N VAL A 38 -17.02 -11.23 0.73
CA VAL A 38 -15.58 -11.12 0.61
C VAL A 38 -15.07 -10.15 1.65
N ILE A 39 -13.99 -10.54 2.34
CA ILE A 39 -13.29 -9.72 3.31
C ILE A 39 -11.90 -9.41 2.74
N LEU A 40 -11.60 -8.13 2.55
CA LEU A 40 -10.34 -7.69 1.96
C LEU A 40 -9.38 -7.06 2.97
N ALA A 41 -8.22 -7.71 3.19
CA ALA A 41 -7.17 -7.27 4.13
C ALA A 41 -6.07 -6.51 3.37
N PRO A 42 -5.51 -5.41 3.90
CA PRO A 42 -4.48 -4.68 3.14
C PRO A 42 -3.18 -5.47 2.93
N THR A 43 -2.77 -6.25 3.96
CA THR A 43 -1.55 -7.01 3.97
C THR A 43 -1.74 -8.44 4.53
N ARG A 44 -0.75 -9.31 4.32
CA ARG A 44 -0.79 -10.67 4.86
CA ARG A 44 -0.79 -10.67 4.86
C ARG A 44 -0.79 -10.62 6.40
N VAL A 45 -0.19 -9.58 7.01
CA VAL A 45 -0.13 -9.39 8.47
C VAL A 45 -1.54 -9.11 9.02
N VAL A 46 -2.35 -8.32 8.30
CA VAL A 46 -3.72 -8.04 8.75
C VAL A 46 -4.61 -9.29 8.55
N ALA A 47 -4.38 -10.07 7.48
CA ALA A 47 -5.09 -11.31 7.23
C ALA A 47 -4.88 -12.30 8.38
N ALA A 48 -3.66 -12.36 8.92
CA ALA A 48 -3.36 -13.24 10.06
C ALA A 48 -4.07 -12.79 11.33
N GLU A 49 -4.13 -11.48 11.58
CA GLU A 49 -4.84 -10.95 12.76
C GLU A 49 -6.37 -11.11 12.64
N MET A 50 -6.87 -11.08 11.42
CA MET A 50 -8.27 -11.29 11.11
C MET A 50 -8.67 -12.72 11.37
N GLU A 51 -7.79 -13.70 11.07
CA GLU A 51 -8.07 -15.10 11.36
C GLU A 51 -8.23 -15.31 12.88
N GLU A 52 -7.48 -14.57 13.72
CA GLU A 52 -7.63 -14.72 15.18
C GLU A 52 -8.96 -14.15 15.66
N ALA A 53 -9.38 -13.01 15.09
CA ALA A 53 -10.64 -12.37 15.46
C ALA A 53 -11.86 -13.16 14.97
N LEU A 54 -11.71 -13.88 13.85
CA LEU A 54 -12.80 -14.66 13.25
C LEU A 54 -12.70 -16.15 13.53
N ARG A 55 -11.70 -16.63 14.30
CA ARG A 55 -11.49 -18.04 14.58
C ARG A 55 -12.76 -18.77 15.03
N GLY A 56 -13.00 -19.94 14.44
CA GLY A 56 -14.20 -20.72 14.70
C GLY A 56 -15.20 -20.56 13.57
N LEU A 57 -15.46 -19.29 13.18
CA LEU A 57 -16.38 -18.91 12.10
C LEU A 57 -15.91 -19.53 10.78
N PRO A 58 -16.86 -19.94 9.93
CA PRO A 58 -16.48 -20.54 8.66
C PRO A 58 -16.03 -19.55 7.59
N VAL A 59 -14.72 -19.28 7.56
CA VAL A 59 -14.14 -18.39 6.57
C VAL A 59 -13.10 -19.13 5.77
N ARG A 60 -13.11 -18.94 4.43
CA ARG A 60 -12.13 -19.51 3.52
C ARG A 60 -11.01 -18.46 3.32
N TYR A 61 -9.81 -18.78 3.78
CA TYR A 61 -8.65 -17.88 3.71
C TYR A 61 -7.86 -18.12 2.44
N MET A 62 -8.02 -17.23 1.46
CA MET A 62 -7.33 -17.31 0.18
C MET A 62 -6.01 -16.57 0.23
N THR A 63 -5.14 -17.01 1.17
CA THR A 63 -3.80 -16.48 1.43
C THR A 63 -2.93 -17.56 2.12
N THR A 64 -1.60 -17.58 1.83
CA THR A 64 -0.71 -18.53 2.51
C THR A 64 -0.17 -17.98 3.84
N ALA A 65 -0.65 -16.82 4.28
CA ALA A 65 -0.27 -16.26 5.57
C ALA A 65 -0.99 -16.97 6.74
N VAL A 66 -2.03 -17.78 6.44
CA VAL A 66 -2.84 -18.51 7.39
C VAL A 66 -2.80 -20.00 7.00
N ASN A 67 -2.49 -20.89 7.96
CA ASN A 67 -2.44 -22.32 7.68
C ASN A 67 -3.71 -22.99 8.19
N VAL A 68 -4.81 -22.90 7.44
CA VAL A 68 -6.06 -23.54 7.87
C VAL A 68 -6.61 -24.55 6.86
N THR A 69 -7.29 -25.57 7.37
CA THR A 69 -7.90 -26.61 6.55
C THR A 69 -9.34 -26.19 6.18
N HIS A 70 -9.55 -25.67 4.95
CA HIS A 70 -10.89 -25.25 4.51
C HIS A 70 -11.81 -26.42 4.16
N SER A 71 -12.95 -26.52 4.89
CA SER A 71 -13.95 -27.57 4.76
C SER A 71 -14.76 -27.61 3.45
N GLY A 72 -14.84 -26.49 2.75
CA GLY A 72 -15.64 -26.41 1.52
C GLY A 72 -17.07 -25.96 1.76
N THR A 73 -17.46 -25.69 3.01
CA THR A 73 -18.77 -25.19 3.41
C THR A 73 -18.79 -23.62 3.59
N GLU A 74 -17.69 -22.94 3.28
CA GLU A 74 -17.60 -21.51 3.47
C GLU A 74 -18.27 -20.70 2.37
N ILE A 75 -19.10 -19.71 2.77
CA ILE A 75 -19.64 -18.71 1.86
C ILE A 75 -18.95 -17.32 2.07
N VAL A 76 -17.96 -17.23 2.99
CA VAL A 76 -17.19 -16.02 3.25
C VAL A 76 -15.75 -16.27 2.87
N ASP A 77 -15.21 -15.47 1.92
CA ASP A 77 -13.81 -15.56 1.48
C ASP A 77 -13.02 -14.38 2.04
N LEU A 78 -11.77 -14.61 2.38
CA LEU A 78 -10.88 -13.56 2.86
C LEU A 78 -9.64 -13.57 1.99
N MET A 79 -9.24 -12.40 1.50
CA MET A 79 -8.03 -12.29 0.70
C MET A 79 -7.44 -10.86 0.79
N CYS A 80 -6.24 -10.63 0.24
CA CYS A 80 -5.65 -9.30 0.29
C CYS A 80 -6.26 -8.37 -0.77
N HIS A 81 -6.15 -7.03 -0.59
CA HIS A 81 -6.65 -6.07 -1.60
C HIS A 81 -6.03 -6.37 -3.02
N ALA A 82 -4.69 -6.58 -3.08
CA ALA A 82 -4.00 -6.86 -4.34
C ALA A 82 -4.46 -8.19 -4.99
N THR A 83 -4.77 -9.22 -4.18
CA THR A 83 -5.27 -10.51 -4.70
C THR A 83 -6.64 -10.35 -5.37
N PHE A 84 -7.55 -9.59 -4.73
CA PHE A 84 -8.88 -9.35 -5.32
C PHE A 84 -8.75 -8.71 -6.72
N THR A 85 -7.96 -7.61 -6.82
CA THR A 85 -7.75 -6.88 -8.09
C THR A 85 -7.02 -7.75 -9.12
N SER A 86 -6.02 -8.52 -8.68
CA SER A 86 -5.28 -9.44 -9.55
C SER A 86 -6.19 -10.51 -10.15
N ARG A 87 -7.08 -11.08 -9.32
CA ARG A 87 -8.00 -12.11 -9.82
C ARG A 87 -9.03 -11.53 -10.78
N LEU A 88 -9.45 -10.25 -10.57
CA LEU A 88 -10.38 -9.57 -11.47
C LEU A 88 -9.70 -9.40 -12.84
N LEU A 89 -8.42 -9.00 -12.85
CA LEU A 89 -7.63 -8.81 -14.07
C LEU A 89 -7.34 -10.15 -14.82
N GLN A 90 -7.02 -11.23 -14.08
CA GLN A 90 -6.75 -12.56 -14.67
C GLN A 90 -8.00 -13.24 -15.29
N PRO A 91 -7.86 -14.22 -16.22
CA PRO A 91 -9.06 -14.83 -16.84
C PRO A 91 -9.99 -15.56 -15.87
N ILE A 92 -9.48 -15.96 -14.72
CA ILE A 92 -10.26 -16.61 -13.66
C ILE A 92 -11.57 -15.87 -13.31
N ARG A 93 -12.64 -16.63 -13.06
CA ARG A 93 -13.91 -16.04 -12.67
C ARG A 93 -13.89 -15.74 -11.18
N VAL A 94 -14.33 -14.55 -10.84
CA VAL A 94 -14.41 -14.11 -9.46
C VAL A 94 -15.90 -14.10 -9.16
N PRO A 95 -16.33 -14.72 -8.03
CA PRO A 95 -17.77 -14.67 -7.72
C PRO A 95 -18.28 -13.23 -7.61
N ASN A 96 -19.56 -12.99 -7.91
CA ASN A 96 -20.12 -11.64 -7.77
C ASN A 96 -20.64 -11.53 -6.33
N TYR A 97 -19.76 -11.21 -5.36
CA TYR A 97 -20.12 -11.14 -3.94
C TYR A 97 -21.27 -10.21 -3.62
N ASN A 98 -22.22 -10.68 -2.80
CA ASN A 98 -23.37 -9.88 -2.36
C ASN A 98 -22.93 -8.78 -1.37
N LEU A 99 -21.93 -9.09 -0.54
CA LEU A 99 -21.38 -8.21 0.48
C LEU A 99 -19.87 -8.12 0.30
N ASN A 100 -19.36 -6.90 0.21
CA ASN A 100 -17.93 -6.65 0.00
C ASN A 100 -17.41 -5.82 1.16
N ILE A 101 -16.59 -6.42 2.03
CA ILE A 101 -16.05 -5.72 3.18
C ILE A 101 -14.57 -5.39 2.94
N MET A 102 -14.19 -4.10 2.99
CA MET A 102 -12.80 -3.73 2.85
C MET A 102 -12.25 -3.21 4.17
N ASP A 103 -11.28 -3.91 4.77
CA ASP A 103 -10.63 -3.40 5.96
C ASP A 103 -9.48 -2.45 5.52
N GLU A 104 -9.21 -1.41 6.33
CA GLU A 104 -8.22 -0.36 6.07
C GLU A 104 -8.44 0.22 4.68
N ALA A 105 -9.71 0.61 4.43
CA ALA A 105 -10.14 1.11 3.14
C ALA A 105 -9.52 2.47 2.75
N HIS A 106 -8.57 2.98 3.56
CA HIS A 106 -7.86 4.22 3.25
C HIS A 106 -6.58 3.94 2.40
N PHE A 107 -6.19 2.66 2.22
CA PHE A 107 -4.97 2.26 1.52
C PHE A 107 -4.93 2.86 0.11
N THR A 108 -3.87 3.61 -0.20
CA THR A 108 -3.77 4.32 -1.47
C THR A 108 -2.94 3.61 -2.55
N ASP A 109 -2.55 2.32 -2.33
CA ASP A 109 -1.85 1.59 -3.39
C ASP A 109 -2.81 1.38 -4.57
N PRO A 110 -2.29 1.44 -5.82
CA PRO A 110 -3.17 1.36 -6.99
C PRO A 110 -4.21 0.23 -6.98
N SER A 111 -3.84 -0.95 -6.51
CA SER A 111 -4.76 -2.09 -6.46
C SER A 111 -5.91 -1.90 -5.44
N SER A 112 -5.65 -1.19 -4.36
CA SER A 112 -6.68 -0.89 -3.36
C SER A 112 -7.70 0.13 -3.92
N ILE A 113 -7.19 1.18 -4.61
CA ILE A 113 -8.02 2.20 -5.24
C ILE A 113 -8.91 1.53 -6.31
N ALA A 114 -8.34 0.59 -7.11
CA ALA A 114 -9.07 -0.13 -8.15
C ALA A 114 -10.17 -1.00 -7.49
N ALA A 115 -9.83 -1.75 -6.43
CA ALA A 115 -10.79 -2.57 -5.67
C ALA A 115 -11.95 -1.69 -5.16
N ARG A 116 -11.66 -0.47 -4.65
CA ARG A 116 -12.73 0.45 -4.21
C ARG A 116 -13.61 0.91 -5.35
N GLY A 117 -13.01 1.20 -6.48
CA GLY A 117 -13.73 1.64 -7.68
C GLY A 117 -14.69 0.57 -8.20
N TYR A 118 -14.18 -0.65 -8.35
CA TYR A 118 -14.96 -1.79 -8.79
C TYR A 118 -16.16 -2.06 -7.85
N ILE A 119 -15.90 -2.17 -6.54
CA ILE A 119 -16.92 -2.45 -5.57
C ILE A 119 -17.99 -1.37 -5.55
N SER A 120 -17.58 -0.07 -5.46
CA SER A 120 -18.55 1.03 -5.40
C SER A 120 -19.41 1.12 -6.65
N THR A 121 -18.86 0.77 -7.82
CA THR A 121 -19.62 0.79 -9.07
C THR A 121 -20.68 -0.33 -9.04
N ARG A 122 -20.32 -1.53 -8.55
CA ARG A 122 -21.27 -2.64 -8.40
C ARG A 122 -22.41 -2.23 -7.46
N VAL A 123 -22.11 -1.42 -6.42
CA VAL A 123 -23.11 -0.94 -5.47
C VAL A 123 -24.00 0.12 -6.14
N GLU A 124 -23.40 1.08 -6.88
CA GLU A 124 -24.12 2.13 -7.63
C GLU A 124 -25.10 1.47 -8.61
N MET A 125 -24.68 0.37 -9.25
CA MET A 125 -25.50 -0.43 -10.17
C MET A 125 -26.68 -1.14 -9.50
N GLY A 126 -26.65 -1.26 -8.17
CA GLY A 126 -27.66 -1.94 -7.37
C GLY A 126 -27.44 -3.44 -7.28
N GLU A 127 -26.22 -3.91 -7.55
CA GLU A 127 -25.91 -5.34 -7.57
C GLU A 127 -25.30 -5.88 -6.29
N ALA A 128 -24.86 -5.02 -5.38
CA ALA A 128 -24.17 -5.46 -4.17
C ALA A 128 -24.25 -4.44 -3.02
N ALA A 129 -23.89 -4.89 -1.80
CA ALA A 129 -23.71 -4.02 -0.64
C ALA A 129 -22.20 -3.98 -0.37
N ALA A 130 -21.76 -2.94 0.34
CA ALA A 130 -20.35 -2.80 0.67
C ALA A 130 -20.12 -2.07 1.98
N ILE A 131 -19.05 -2.45 2.68
CA ILE A 131 -18.65 -1.83 3.91
C ILE A 131 -17.16 -1.45 3.80
N PHE A 132 -16.84 -0.17 3.94
CA PHE A 132 -15.46 0.31 3.91
C PHE A 132 -15.09 0.66 5.36
N MET A 133 -14.13 -0.07 5.94
CA MET A 133 -13.73 0.14 7.31
C MET A 133 -12.44 0.94 7.36
N THR A 134 -12.52 2.18 7.88
CA THR A 134 -11.38 3.08 8.10
C THR A 134 -11.73 4.25 8.99
N ALA A 135 -10.81 4.61 9.88
CA ALA A 135 -10.96 5.82 10.69
C ALA A 135 -10.82 7.06 9.82
N THR A 136 -10.14 6.98 8.65
CA THR A 136 -9.84 8.10 7.76
C THR A 136 -10.33 7.90 6.32
N PRO A 137 -11.63 8.11 6.09
CA PRO A 137 -12.18 7.95 4.72
C PRO A 137 -11.60 8.98 3.74
N PRO A 138 -11.64 8.75 2.41
CA PRO A 138 -11.10 9.74 1.47
C PRO A 138 -11.77 11.09 1.66
N GLY A 139 -10.99 12.13 1.87
CA GLY A 139 -11.53 13.45 2.14
C GLY A 139 -11.37 13.94 3.57
N THR A 140 -10.85 13.09 4.47
CA THR A 140 -10.68 13.50 5.88
C THR A 140 -9.71 14.66 6.01
N ARG A 141 -10.12 15.64 6.80
CA ARG A 141 -9.35 16.84 7.08
C ARG A 141 -8.88 16.88 8.55
N ASP A 142 -9.11 15.81 9.33
CA ASP A 142 -8.74 15.79 10.74
C ASP A 142 -7.55 14.87 10.97
N ALA A 143 -6.38 15.47 11.22
CA ALA A 143 -5.15 14.76 11.54
C ALA A 143 -5.11 14.31 13.00
N PHE A 144 -5.99 14.85 13.88
CA PHE A 144 -5.98 14.48 15.31
C PHE A 144 -7.31 13.86 15.77
N PRO A 145 -7.67 12.64 15.31
CA PRO A 145 -8.94 12.03 15.74
C PRO A 145 -8.92 11.53 17.18
N ASP A 146 -10.05 11.02 17.66
CA ASP A 146 -10.14 10.47 19.01
C ASP A 146 -9.25 9.23 19.16
N SER A 147 -8.93 8.89 20.40
CA SER A 147 -8.10 7.72 20.70
C SER A 147 -8.60 7.05 22.00
N ASN A 148 -8.11 5.84 22.30
CA ASN A 148 -8.53 5.14 23.53
C ASN A 148 -8.01 5.79 24.79
N SER A 149 -6.88 6.50 24.70
CA SER A 149 -6.35 7.26 25.82
C SER A 149 -5.68 8.55 25.32
N PRO A 150 -5.68 9.62 26.15
CA PRO A 150 -5.13 10.90 25.70
C PRO A 150 -3.70 10.83 25.18
N ILE A 151 -3.45 11.47 24.03
CA ILE A 151 -2.13 11.54 23.41
C ILE A 151 -1.51 12.96 23.64
N MET A 152 -0.20 13.07 23.89
CA MET A 152 0.47 14.37 24.02
C MET A 152 0.95 14.71 22.60
N ASP A 153 0.35 15.71 21.96
CA ASP A 153 0.72 16.10 20.60
C ASP A 153 1.72 17.26 20.65
N THR A 154 2.92 17.09 20.05
CA THR A 154 3.92 18.16 20.09
C THR A 154 4.53 18.41 18.73
N GLU A 155 4.36 19.65 18.20
CA GLU A 155 4.98 20.03 16.94
C GLU A 155 6.44 20.29 17.25
N VAL A 156 7.36 19.56 16.59
CA VAL A 156 8.79 19.68 16.84
C VAL A 156 9.62 19.42 15.56
N GLU A 157 10.84 20.00 15.46
CA GLU A 157 11.70 19.72 14.31
C GLU A 157 12.19 18.26 14.46
N VAL A 158 11.96 17.44 13.44
CA VAL A 158 12.32 16.02 13.43
C VAL A 158 13.50 15.79 12.48
N PRO A 159 14.59 15.15 12.96
CA PRO A 159 15.72 14.87 12.06
C PRO A 159 15.38 13.98 10.89
N GLU A 160 15.91 14.32 9.71
CA GLU A 160 15.76 13.51 8.50
C GLU A 160 17.09 13.00 7.95
N ARG A 161 18.18 13.22 8.69
CA ARG A 161 19.54 12.80 8.38
C ARG A 161 20.17 12.41 9.72
N ALA A 162 21.39 11.79 9.70
CA ALA A 162 22.11 11.53 10.95
C ALA A 162 22.42 12.90 11.64
N TRP A 163 22.53 12.90 12.97
CA TRP A 163 22.78 14.11 13.73
C TRP A 163 23.80 13.83 14.82
N SER A 164 24.56 14.87 15.17
CA SER A 164 25.55 14.82 16.23
C SER A 164 25.06 15.54 17.48
N SER A 165 24.13 16.50 17.35
CA SER A 165 23.62 17.25 18.49
C SER A 165 22.30 17.97 18.12
N GLY A 166 21.60 18.51 19.12
CA GLY A 166 20.38 19.27 18.89
C GLY A 166 19.06 18.53 18.99
N PHE A 167 19.08 17.19 19.14
CA PHE A 167 17.82 16.43 19.24
C PHE A 167 17.89 15.43 20.44
N ASP A 168 18.33 15.90 21.61
CA ASP A 168 18.47 15.04 22.78
C ASP A 168 17.20 14.27 23.14
N TRP A 169 16.00 14.88 22.95
CA TRP A 169 14.69 14.27 23.25
C TRP A 169 14.48 12.92 22.55
N VAL A 170 15.09 12.73 21.38
CA VAL A 170 14.96 11.50 20.61
C VAL A 170 15.62 10.31 21.32
N THR A 171 16.87 10.47 21.76
CA THR A 171 17.60 9.37 22.39
C THR A 171 17.41 9.33 23.92
N ASP A 172 16.94 10.44 24.54
CA ASP A 172 16.64 10.54 25.99
C ASP A 172 15.22 10.00 26.26
N HIS A 173 14.88 8.89 25.66
CA HIS A 173 13.57 8.27 25.84
C HIS A 173 13.82 6.83 26.22
N SER A 174 13.14 6.37 27.27
CA SER A 174 13.36 5.02 27.75
C SER A 174 12.31 3.99 27.31
N GLY A 175 11.33 4.39 26.49
CA GLY A 175 10.30 3.47 26.02
C GLY A 175 10.51 2.97 24.60
N LYS A 176 9.42 2.72 23.87
CA LYS A 176 9.50 2.22 22.50
C LYS A 176 8.93 3.24 21.53
N THR A 177 9.65 3.52 20.43
CA THR A 177 9.25 4.53 19.44
C THR A 177 9.02 3.98 18.05
N VAL A 178 7.94 4.39 17.41
CA VAL A 178 7.69 4.07 16.01
C VAL A 178 7.96 5.35 15.24
N TRP A 179 8.89 5.32 14.29
CA TRP A 179 9.29 6.51 13.56
C TRP A 179 8.99 6.38 12.07
N PHE A 180 8.12 7.24 11.55
CA PHE A 180 7.76 7.25 10.13
C PHE A 180 8.67 8.20 9.35
N VAL A 181 9.34 7.65 8.34
CA VAL A 181 10.25 8.31 7.42
C VAL A 181 9.71 8.36 5.99
N PRO A 182 10.16 9.33 5.15
CA PRO A 182 9.63 9.41 3.78
C PRO A 182 10.07 8.31 2.83
N SER A 183 11.22 7.66 3.10
CA SER A 183 11.70 6.60 2.20
C SER A 183 12.63 5.59 2.90
N VAL A 184 12.84 4.42 2.25
CA VAL A 184 13.76 3.38 2.70
C VAL A 184 15.17 3.97 2.88
N ARG A 185 15.67 4.71 1.88
CA ARG A 185 17.01 5.32 1.95
C ARG A 185 17.14 6.30 3.12
N ASN A 186 16.08 7.09 3.41
CA ASN A 186 16.13 8.00 4.56
CA ASN A 186 16.07 8.01 4.55
C ASN A 186 16.10 7.21 5.87
N GLY A 187 15.33 6.13 5.91
CA GLY A 187 15.28 5.28 7.10
C GLY A 187 16.61 4.61 7.40
N ASN A 188 17.36 4.17 6.35
CA ASN A 188 18.68 3.53 6.51
C ASN A 188 19.64 4.48 7.27
N GLU A 189 19.66 5.78 6.90
CA GLU A 189 20.52 6.78 7.53
C GLU A 189 20.19 7.00 9.02
N ILE A 190 18.92 7.21 9.33
CA ILE A 190 18.48 7.38 10.72
C ILE A 190 18.72 6.11 11.56
N ALA A 191 18.39 4.92 11.00
CA ALA A 191 18.63 3.66 11.72
C ALA A 191 20.12 3.50 12.03
N ALA A 192 21.00 3.80 11.05
CA ALA A 192 22.46 3.75 11.28
C ALA A 192 22.92 4.69 12.43
N CYS A 193 22.35 5.92 12.49
CA CYS A 193 22.64 6.91 13.52
C CYS A 193 22.23 6.39 14.89
N LEU A 194 20.99 5.86 14.99
CA LEU A 194 20.44 5.30 16.22
C LEU A 194 21.22 4.06 16.66
N THR A 195 21.63 3.21 15.70
CA THR A 195 22.40 2.01 16.06
C THR A 195 23.76 2.39 16.63
N LYS A 196 24.42 3.38 16.04
CA LYS A 196 25.70 3.86 16.56
C LYS A 196 25.57 4.41 17.98
N ALA A 197 24.39 4.98 18.32
CA ALA A 197 24.09 5.52 19.65
C ALA A 197 23.64 4.47 20.70
N GLY A 198 23.69 3.18 20.32
CA GLY A 198 23.32 2.10 21.23
C GLY A 198 21.88 1.63 21.19
N LYS A 199 21.08 2.08 20.19
CA LYS A 199 19.67 1.66 20.11
C LYS A 199 19.46 0.39 19.28
N ARG A 200 18.44 -0.42 19.62
CA ARG A 200 18.03 -1.62 18.88
C ARG A 200 16.94 -1.22 17.90
N VAL A 201 17.25 -1.25 16.61
CA VAL A 201 16.37 -0.76 15.58
C VAL A 201 15.89 -1.83 14.65
N ILE A 202 14.59 -1.81 14.31
CA ILE A 202 14.03 -2.69 13.30
C ILE A 202 13.54 -1.77 12.17
N GLN A 203 13.80 -2.11 10.91
CA GLN A 203 13.33 -1.32 9.78
C GLN A 203 12.22 -2.04 9.01
N LEU A 204 11.16 -1.31 8.62
CA LEU A 204 10.03 -1.88 7.87
C LEU A 204 9.78 -1.13 6.56
N SER A 205 9.53 -1.88 5.49
CA SER A 205 9.18 -1.31 4.17
C SER A 205 8.23 -2.27 3.42
N ARG A 206 7.63 -1.86 2.28
CA ARG A 206 6.69 -2.74 1.56
C ARG A 206 7.24 -4.13 1.26
N LYS A 207 8.47 -4.21 0.74
CA LYS A 207 9.08 -5.48 0.35
C LYS A 207 9.57 -6.34 1.50
N THR A 208 9.81 -5.77 2.69
CA THR A 208 10.29 -6.59 3.83
C THR A 208 9.26 -6.74 4.97
N PHE A 209 8.09 -6.12 4.84
CA PHE A 209 7.06 -6.03 5.88
C PHE A 209 6.73 -7.33 6.65
N GLU A 210 6.21 -8.39 6.01
CA GLU A 210 5.84 -9.60 6.77
C GLU A 210 6.98 -10.17 7.61
N THR A 211 8.16 -10.33 6.97
CA THR A 211 9.34 -10.88 7.60
C THR A 211 9.84 -10.04 8.77
N GLU A 212 10.07 -8.72 8.53
CA GLU A 212 10.59 -7.86 9.59
C GLU A 212 9.58 -7.51 10.69
N PHE A 213 8.26 -7.49 10.36
CA PHE A 213 7.25 -7.18 11.38
C PHE A 213 7.26 -8.20 12.52
N GLN A 214 7.52 -9.48 12.20
CA GLN A 214 7.59 -10.54 13.20
C GLN A 214 8.63 -10.24 14.30
N LYS A 215 9.73 -9.53 13.93
CA LYS A 215 10.77 -9.15 14.90
C LYS A 215 10.27 -8.19 15.97
N THR A 216 9.20 -7.43 15.69
CA THR A 216 8.63 -6.52 16.69
C THR A 216 7.93 -7.27 17.84
N LYS A 217 7.55 -8.55 17.60
CA LYS A 217 6.90 -9.41 18.58
C LYS A 217 7.91 -10.43 19.16
N ASN A 218 8.89 -10.88 18.35
CA ASN A 218 9.87 -11.89 18.78
C ASN A 218 11.11 -11.34 19.55
N GLN A 219 11.33 -10.02 19.58
CA GLN A 219 12.50 -9.49 20.27
C GLN A 219 12.33 -8.08 20.81
N GLU A 220 13.16 -7.71 21.80
CA GLU A 220 13.12 -6.36 22.36
C GLU A 220 13.70 -5.38 21.35
N TRP A 221 13.08 -4.21 21.27
CA TRP A 221 13.54 -3.15 20.39
C TRP A 221 13.31 -1.79 21.04
N ASP A 222 14.07 -0.79 20.60
CA ASP A 222 13.94 0.58 21.07
C ASP A 222 13.21 1.42 20.00
N PHE A 223 13.55 1.21 18.72
CA PHE A 223 12.93 1.95 17.63
C PHE A 223 12.49 1.03 16.51
N VAL A 224 11.41 1.43 15.83
CA VAL A 224 10.96 0.84 14.59
C VAL A 224 11.00 1.99 13.56
N ILE A 225 11.83 1.87 12.54
CA ILE A 225 11.91 2.87 11.50
C ILE A 225 11.09 2.35 10.34
N THR A 226 10.03 3.07 9.97
CA THR A 226 9.13 2.59 8.93
C THR A 226 8.66 3.61 7.93
N THR A 227 8.38 3.15 6.70
CA THR A 227 7.77 3.96 5.67
C THR A 227 6.22 4.00 5.96
N ASP A 228 5.44 4.59 5.04
CA ASP A 228 3.99 4.72 5.18
C ASP A 228 3.23 3.39 5.21
N ILE A 229 3.88 2.23 4.92
CA ILE A 229 3.18 0.93 4.95
C ILE A 229 2.57 0.63 6.33
N SER A 230 3.22 1.13 7.40
CA SER A 230 2.71 0.90 8.76
C SER A 230 1.46 1.74 9.12
N GLU A 231 0.93 2.54 8.17
CA GLU A 231 -0.36 3.22 8.35
C GLU A 231 -1.54 2.23 8.12
N MET A 232 -1.27 0.98 7.65
CA MET A 232 -2.32 0.03 7.30
C MET A 232 -2.55 -1.11 8.29
N GLY A 233 -3.01 -0.76 9.49
CA GLY A 233 -3.35 -1.74 10.51
C GLY A 233 -2.21 -2.37 11.31
N ALA A 234 -0.96 -1.98 11.02
CA ALA A 234 0.19 -2.50 11.76
C ALA A 234 0.10 -2.03 13.20
N ASN A 235 0.16 -2.95 14.17
CA ASN A 235 0.05 -2.55 15.57
C ASN A 235 1.30 -2.88 16.37
N PHE A 236 1.70 -1.93 17.22
CA PHE A 236 2.91 -1.98 18.03
C PHE A 236 2.60 -1.73 19.51
N LYS A 237 3.44 -2.23 20.42
CA LYS A 237 3.27 -1.99 21.86
C LYS A 237 4.29 -0.92 22.12
N ALA A 238 3.94 0.30 21.79
CA ALA A 238 4.86 1.43 21.84
C ALA A 238 4.24 2.60 22.61
N ASP A 239 5.05 3.58 23.01
CA ASP A 239 4.53 4.74 23.73
C ASP A 239 4.81 6.07 23.04
N ARG A 240 5.46 6.06 21.87
CA ARG A 240 5.75 7.28 21.16
C ARG A 240 5.77 7.06 19.66
N VAL A 241 5.27 8.02 18.91
CA VAL A 241 5.40 8.05 17.47
C VAL A 241 6.19 9.31 17.12
N ILE A 242 7.25 9.18 16.34
CA ILE A 242 7.97 10.31 15.80
C ILE A 242 7.55 10.32 14.31
N ASP A 243 7.00 11.42 13.84
CA ASP A 243 6.49 11.49 12.48
C ASP A 243 7.12 12.65 11.70
N SER A 244 7.95 12.33 10.69
CA SER A 244 8.54 13.37 9.86
C SER A 244 7.43 14.17 9.13
N ARG A 245 6.21 13.57 8.97
CA ARG A 245 5.06 14.13 8.24
C ARG A 245 5.38 14.28 6.75
N ARG A 246 6.32 13.48 6.23
CA ARG A 246 6.73 13.56 4.84
C ARG A 246 6.64 12.22 4.14
N CYS A 247 6.49 12.26 2.81
CA CYS A 247 6.34 11.07 1.99
C CYS A 247 6.91 11.39 0.59
N LEU A 248 7.17 10.35 -0.21
CA LEU A 248 7.52 10.55 -1.61
C LEU A 248 6.22 10.46 -2.40
N LYS A 249 6.19 11.15 -3.53
CA LYS A 249 5.01 11.17 -4.37
C LYS A 249 5.42 10.78 -5.78
N PRO A 250 4.90 9.66 -6.30
CA PRO A 250 5.18 9.30 -7.69
C PRO A 250 4.44 10.28 -8.59
N VAL A 251 5.10 10.85 -9.60
CA VAL A 251 4.50 11.82 -10.48
C VAL A 251 4.85 11.51 -11.94
N ILE A 252 3.85 11.47 -12.81
CA ILE A 252 4.09 11.26 -14.24
C ILE A 252 4.34 12.62 -14.88
N LEU A 253 5.51 12.79 -15.52
CA LEU A 253 5.86 14.06 -16.16
C LEU A 253 5.73 13.94 -17.65
N ASP A 254 4.99 14.87 -18.28
CA ASP A 254 4.78 14.91 -19.73
C ASP A 254 4.29 13.58 -20.32
N GLY A 255 3.67 12.73 -19.49
CA GLY A 255 3.18 11.41 -19.89
C GLY A 255 4.25 10.47 -20.40
N GLU A 256 5.52 10.78 -20.08
CA GLU A 256 6.73 10.15 -20.63
C GLU A 256 7.64 9.46 -19.60
N ARG A 257 7.51 9.80 -18.31
CA ARG A 257 8.39 9.25 -17.29
C ARG A 257 7.77 9.41 -15.90
N VAL A 258 8.27 8.67 -14.90
CA VAL A 258 7.76 8.79 -13.53
C VAL A 258 8.93 9.13 -12.65
N ILE A 259 8.78 10.19 -11.83
CA ILE A 259 9.80 10.56 -10.86
C ILE A 259 9.21 10.40 -9.45
N LEU A 260 10.06 10.26 -8.45
CA LEU A 260 9.60 10.21 -7.07
C LEU A 260 9.84 11.61 -6.47
N ALA A 261 8.82 12.50 -6.56
CA ALA A 261 8.91 13.88 -6.12
C ALA A 261 8.88 13.96 -4.60
N GLY A 262 9.53 14.97 -4.07
CA GLY A 262 9.55 15.19 -2.64
C GLY A 262 10.89 14.96 -1.99
N PRO A 263 10.94 14.64 -0.69
CA PRO A 263 9.82 14.44 0.25
C PRO A 263 8.89 15.64 0.38
N MET A 264 7.60 15.38 0.46
CA MET A 264 6.58 16.42 0.59
C MET A 264 5.56 16.05 1.69
N PRO A 265 4.74 17.02 2.15
CA PRO A 265 3.79 16.70 3.23
C PRO A 265 2.87 15.50 2.97
N VAL A 266 2.51 14.82 4.05
CA VAL A 266 1.55 13.72 3.97
C VAL A 266 0.12 14.30 3.96
N THR A 267 -0.89 13.48 3.62
CA THR A 267 -2.29 13.90 3.73
C THR A 267 -2.71 13.88 5.22
N HIS A 268 -3.86 14.49 5.55
CA HIS A 268 -4.41 14.41 6.90
C HIS A 268 -4.71 12.94 7.28
N ALA A 269 -5.20 12.12 6.33
CA ALA A 269 -5.48 10.70 6.58
C ALA A 269 -4.21 9.97 7.02
N SER A 270 -3.08 10.16 6.31
CA SER A 270 -1.82 9.53 6.67
C SER A 270 -1.32 9.99 8.05
N ALA A 271 -1.38 11.29 8.33
CA ALA A 271 -0.93 11.83 9.62
C ALA A 271 -1.76 11.23 10.77
N ALA A 272 -3.09 11.15 10.60
CA ALA A 272 -3.98 10.57 11.62
C ALA A 272 -3.68 9.07 11.81
N GLN A 273 -3.38 8.34 10.72
CA GLN A 273 -3.04 6.90 10.78
C GLN A 273 -1.71 6.66 11.45
N ARG A 274 -0.71 7.53 11.19
CA ARG A 274 0.63 7.43 11.79
C ARG A 274 0.52 7.70 13.28
N ARG A 275 -0.20 8.78 13.64
CA ARG A 275 -0.46 9.11 15.06
C ARG A 275 -1.24 8.00 15.77
N GLY A 276 -2.20 7.41 15.05
CA GLY A 276 -3.07 6.36 15.55
C GLY A 276 -2.37 5.09 16.01
N ARG A 277 -1.05 4.95 15.76
CA ARG A 277 -0.30 3.76 16.22
C ARG A 277 -0.20 3.76 17.76
N ILE A 278 -0.31 4.95 18.42
CA ILE A 278 -0.23 5.08 19.88
C ILE A 278 -1.54 5.68 20.45
N GLY A 279 -1.68 5.72 21.76
CA GLY A 279 -2.91 6.16 22.42
C GLY A 279 -3.99 5.08 22.36
N ARG A 280 -3.62 3.80 22.02
CA ARG A 280 -4.51 2.67 21.85
C ARG A 280 -4.87 1.90 23.12
N ASN A 281 -4.10 2.07 24.20
CA ASN A 281 -4.38 1.35 25.45
C ASN A 281 -5.03 2.33 26.43
N PRO A 282 -6.30 2.10 26.80
CA PRO A 282 -6.95 3.02 27.74
C PRO A 282 -6.30 3.07 29.12
N ASN A 283 -5.57 2.02 29.50
CA ASN A 283 -4.86 1.98 30.78
C ASN A 283 -3.47 2.70 30.74
N LYS A 284 -3.03 3.19 29.56
CA LYS A 284 -1.73 3.87 29.46
C LYS A 284 -1.87 5.23 28.79
N PRO A 285 -2.35 6.24 29.53
CA PRO A 285 -2.45 7.58 28.94
C PRO A 285 -1.06 8.22 28.83
N GLY A 286 -0.98 9.30 28.09
CA GLY A 286 0.28 10.01 27.94
C GLY A 286 1.23 9.53 26.87
N ASP A 287 0.76 8.67 25.93
CA ASP A 287 1.59 8.30 24.77
C ASP A 287 1.92 9.60 23.97
N GLU A 288 3.12 9.69 23.38
CA GLU A 288 3.52 10.91 22.71
C GLU A 288 3.51 10.83 21.19
N TYR A 289 3.17 11.93 20.52
CA TYR A 289 3.18 12.04 19.05
C TYR A 289 3.92 13.32 18.68
N MET A 290 5.15 13.17 18.21
CA MET A 290 6.03 14.27 17.83
C MET A 290 5.98 14.41 16.35
N TYR A 291 5.51 15.54 15.83
CA TYR A 291 5.38 15.71 14.38
C TYR A 291 6.20 16.88 13.84
N GLY A 292 6.85 16.66 12.70
CA GLY A 292 7.78 17.62 12.10
C GLY A 292 7.40 18.34 10.83
N GLY A 293 6.12 18.60 10.66
CA GLY A 293 5.62 19.32 9.48
C GLY A 293 4.10 19.35 9.44
N GLY A 294 3.54 20.10 8.50
CA GLY A 294 2.09 20.17 8.35
C GLY A 294 1.57 19.16 7.33
N CYS A 295 0.24 19.13 7.11
CA CYS A 295 -0.40 18.24 6.12
C CYS A 295 -0.81 19.04 4.88
N ALA A 296 -0.95 18.33 3.77
CA ALA A 296 -1.40 18.89 2.50
C ALA A 296 -2.05 17.79 1.63
N GLU A 297 -2.85 18.18 0.62
CA GLU A 297 -3.50 17.17 -0.21
CA GLU A 297 -3.54 17.27 -0.29
C GLU A 297 -2.57 16.71 -1.35
N THR A 298 -1.51 15.99 -0.94
CA THR A 298 -0.53 15.46 -1.90
C THR A 298 -0.99 14.20 -2.64
N ASP A 299 -2.26 13.78 -2.46
CA ASP A 299 -2.82 12.70 -3.24
C ASP A 299 -3.34 13.24 -4.60
N GLU A 300 -3.53 14.57 -4.76
CA GLU A 300 -3.99 15.15 -6.02
C GLU A 300 -2.81 15.11 -7.01
N GLY A 301 -3.02 14.51 -8.17
CA GLY A 301 -1.98 14.38 -9.18
C GLY A 301 -0.93 13.31 -8.87
N HIS A 302 -1.21 12.43 -7.90
CA HIS A 302 -0.29 11.37 -7.49
C HIS A 302 -0.53 10.19 -8.49
N ALA A 303 0.55 9.60 -9.02
CA ALA A 303 0.44 8.54 -10.06
C ALA A 303 -0.44 7.32 -9.69
N HIS A 304 -0.61 6.98 -8.40
CA HIS A 304 -1.43 5.84 -8.01
C HIS A 304 -2.86 5.93 -8.53
N TRP A 305 -3.46 7.15 -8.59
CA TRP A 305 -4.84 7.26 -9.05
C TRP A 305 -4.95 7.06 -10.58
N LEU A 306 -3.96 7.51 -11.33
CA LEU A 306 -3.89 7.29 -12.77
C LEU A 306 -3.65 5.75 -12.98
N GLU A 307 -2.77 5.12 -12.16
CA GLU A 307 -2.52 3.68 -12.25
C GLU A 307 -3.75 2.84 -11.92
N ALA A 308 -4.60 3.33 -11.01
CA ALA A 308 -5.85 2.65 -10.65
C ALA A 308 -6.79 2.66 -11.84
N ARG A 309 -6.82 3.76 -12.60
CA ARG A 309 -7.62 3.90 -13.81
C ARG A 309 -7.12 2.95 -14.92
N MET A 310 -5.81 2.72 -15.03
CA MET A 310 -5.26 1.77 -16.03
C MET A 310 -5.72 0.34 -15.65
N LEU A 311 -5.81 0.03 -14.34
CA LEU A 311 -6.29 -1.27 -13.88
C LEU A 311 -7.80 -1.47 -14.17
N LEU A 312 -8.65 -0.47 -13.78
CA LEU A 312 -10.10 -0.55 -13.93
C LEU A 312 -10.52 -0.58 -15.42
N ASP A 313 -9.75 0.10 -16.27
CA ASP A 313 -10.02 0.05 -17.72
C ASP A 313 -9.80 -1.34 -18.32
N ASN A 314 -9.01 -2.19 -17.64
CA ASN A 314 -8.74 -3.53 -18.16
C ASN A 314 -9.43 -4.66 -17.34
N ILE A 315 -10.48 -4.31 -16.59
CA ILE A 315 -11.27 -5.27 -15.84
C ILE A 315 -12.66 -5.32 -16.45
N TYR A 316 -13.14 -6.53 -16.77
CA TYR A 316 -14.49 -6.71 -17.30
C TYR A 316 -15.52 -6.43 -16.22
N LEU A 317 -16.57 -5.71 -16.59
CA LEU A 317 -17.65 -5.38 -15.66
C LEU A 317 -18.97 -5.88 -16.24
N GLN A 318 -19.32 -5.44 -17.45
CA GLN A 318 -20.53 -5.78 -18.17
C GLN A 318 -20.40 -5.14 -19.56
N ASP A 319 -20.31 -5.96 -20.62
CA ASP A 319 -20.15 -5.54 -22.01
C ASP A 319 -19.00 -4.47 -22.18
N GLY A 320 -19.32 -3.24 -22.58
CA GLY A 320 -18.30 -2.21 -22.73
C GLY A 320 -18.17 -1.26 -21.56
N LEU A 321 -18.97 -1.48 -20.49
CA LEU A 321 -18.96 -0.63 -19.30
C LEU A 321 -17.67 -0.78 -18.52
N ILE A 322 -17.23 0.33 -17.95
CA ILE A 322 -15.98 0.38 -17.20
C ILE A 322 -16.23 0.98 -15.81
N ALA A 323 -15.68 0.37 -14.77
CA ALA A 323 -15.88 0.88 -13.41
C ALA A 323 -15.23 2.23 -13.19
N SER A 324 -15.93 3.09 -12.48
CA SER A 324 -15.43 4.40 -12.13
C SER A 324 -14.68 4.28 -10.80
N LEU A 325 -13.84 5.28 -10.46
CA LEU A 325 -13.22 5.35 -9.15
C LEU A 325 -14.31 5.69 -8.15
N TYR A 326 -14.13 5.29 -6.89
CA TYR A 326 -15.02 5.59 -5.78
C TYR A 326 -15.15 7.14 -5.70
N ARG A 327 -16.39 7.65 -5.76
CA ARG A 327 -16.66 9.09 -5.87
C ARG A 327 -15.77 10.02 -4.99
N PRO A 328 -15.62 9.86 -3.65
CA PRO A 328 -14.77 10.79 -2.90
C PRO A 328 -13.31 10.88 -3.37
N GLU A 329 -12.83 9.90 -4.14
CA GLU A 329 -11.45 9.96 -4.63
C GLU A 329 -11.32 10.07 -6.16
N ALA A 330 -12.44 10.22 -6.88
CA ALA A 330 -12.45 10.29 -8.35
C ALA A 330 -11.82 11.56 -8.97
N ASP A 331 -11.77 12.69 -8.25
CA ASP A 331 -11.19 13.92 -8.81
C ASP A 331 -9.68 14.03 -8.64
N LYS A 332 -9.02 12.99 -8.11
CA LYS A 332 -7.58 13.04 -7.88
C LYS A 332 -6.75 12.93 -9.16
N VAL A 333 -7.35 12.49 -10.27
CA VAL A 333 -6.65 12.34 -11.55
C VAL A 333 -7.50 12.89 -12.68
N ALA A 334 -6.86 13.45 -13.73
CA ALA A 334 -7.60 13.89 -14.90
C ALA A 334 -7.54 12.70 -15.85
N ALA A 335 -8.54 11.85 -15.85
CA ALA A 335 -8.54 10.66 -16.72
C ALA A 335 -9.95 10.29 -17.12
N ILE A 336 -10.09 9.91 -18.39
CA ILE A 336 -11.37 9.52 -18.98
C ILE A 336 -11.45 7.99 -18.93
N GLU A 337 -12.53 7.46 -18.35
CA GLU A 337 -12.80 6.02 -18.27
C GLU A 337 -12.74 5.38 -19.66
N GLY A 338 -11.91 4.35 -19.77
CA GLY A 338 -11.70 3.65 -21.04
C GLY A 338 -10.49 4.06 -21.85
N GLU A 339 -9.78 5.18 -21.50
CA GLU A 339 -8.64 5.61 -22.32
C GLU A 339 -7.46 4.60 -22.28
N PHE A 340 -7.35 3.81 -21.20
CA PHE A 340 -6.27 2.80 -21.08
C PHE A 340 -6.73 1.37 -21.41
N LYS A 341 -7.89 1.20 -22.06
CA LYS A 341 -8.41 -0.13 -22.40
C LYS A 341 -7.58 -0.79 -23.50
N LEU A 342 -6.94 -1.92 -23.20
CA LEU A 342 -6.09 -2.61 -24.15
C LEU A 342 -6.79 -3.78 -24.84
N ARG A 343 -6.35 -4.11 -26.05
CA ARG A 343 -6.88 -5.29 -26.74
C ARG A 343 -6.34 -6.58 -26.05
N THR A 344 -6.99 -7.72 -26.29
CA THR A 344 -6.73 -9.00 -25.64
C THR A 344 -5.24 -9.35 -25.41
N GLU A 345 -4.42 -9.42 -26.47
CA GLU A 345 -3.02 -9.80 -26.31
C GLU A 345 -2.19 -8.77 -25.55
N GLN A 346 -2.42 -7.47 -25.79
CA GLN A 346 -1.69 -6.43 -25.04
C GLN A 346 -2.10 -6.47 -23.56
N ARG A 347 -3.38 -6.75 -23.26
CA ARG A 347 -3.86 -6.80 -21.88
C ARG A 347 -3.21 -7.93 -21.13
N LYS A 348 -3.08 -9.09 -21.76
CA LYS A 348 -2.42 -10.25 -21.15
C LYS A 348 -0.96 -9.90 -20.87
N THR A 349 -0.27 -9.24 -21.81
CA THR A 349 1.12 -8.79 -21.56
C THR A 349 1.17 -7.83 -20.31
N PHE A 350 0.22 -6.86 -20.23
CA PHE A 350 0.12 -5.88 -19.15
C PHE A 350 -0.01 -6.59 -17.82
N VAL A 351 -0.90 -7.57 -17.75
CA VAL A 351 -1.09 -8.34 -16.52
C VAL A 351 0.18 -9.12 -16.14
N GLU A 352 0.79 -9.80 -17.11
CA GLU A 352 2.00 -10.58 -16.83
C GLU A 352 3.21 -9.70 -16.38
N LEU A 353 3.38 -8.54 -17.01
CA LEU A 353 4.45 -7.60 -16.60
C LEU A 353 4.29 -7.18 -15.12
N MET A 354 3.05 -7.14 -14.61
CA MET A 354 2.81 -6.79 -13.22
C MET A 354 2.93 -8.00 -12.32
N LYS A 355 2.25 -9.08 -12.66
CA LYS A 355 2.20 -10.29 -11.85
C LYS A 355 3.54 -10.98 -11.78
N ARG A 356 4.17 -11.22 -12.90
CA ARG A 356 5.44 -11.92 -12.95
C ARG A 356 6.65 -10.96 -13.06
N GLY A 357 6.56 -9.92 -13.86
CA GLY A 357 7.65 -8.96 -14.02
C GLY A 357 7.89 -8.07 -12.81
N ASP A 358 6.88 -7.93 -11.94
CA ASP A 358 6.90 -7.09 -10.72
C ASP A 358 7.14 -5.61 -11.02
N LEU A 359 6.73 -5.17 -12.20
CA LEU A 359 6.90 -3.79 -12.62
C LEU A 359 5.77 -2.91 -12.11
N PRO A 360 6.03 -1.60 -11.89
CA PRO A 360 4.93 -0.70 -11.53
C PRO A 360 3.83 -0.71 -12.61
N VAL A 361 2.59 -0.44 -12.23
CA VAL A 361 1.48 -0.38 -13.21
C VAL A 361 1.78 0.53 -14.44
N TRP A 362 2.27 1.79 -14.22
CA TRP A 362 2.51 2.73 -15.32
C TRP A 362 3.51 2.19 -16.32
N LEU A 363 4.62 1.64 -15.81
CA LEU A 363 5.68 1.09 -16.66
C LEU A 363 5.19 -0.16 -17.41
N ALA A 364 4.43 -1.04 -16.74
CA ALA A 364 3.83 -2.25 -17.38
C ALA A 364 2.93 -1.83 -18.54
N TYR A 365 2.15 -0.74 -18.34
CA TYR A 365 1.27 -0.21 -19.36
C TYR A 365 2.03 0.32 -20.59
N GLN A 366 3.14 1.06 -20.38
CA GLN A 366 3.90 1.60 -21.52
C GLN A 366 4.45 0.46 -22.37
N VAL A 367 5.00 -0.57 -21.73
CA VAL A 367 5.55 -1.72 -22.47
C VAL A 367 4.46 -2.47 -23.28
N ALA A 368 3.37 -2.88 -22.60
CA ALA A 368 2.24 -3.60 -23.22
C ALA A 368 1.57 -2.80 -24.37
N SER A 369 1.25 -1.48 -24.14
CA SER A 369 0.62 -0.64 -25.15
C SER A 369 1.51 -0.42 -26.38
N ALA A 370 2.84 -0.52 -26.22
CA ALA A 370 3.76 -0.36 -27.38
C ALA A 370 3.84 -1.67 -28.25
N GLY A 371 3.03 -2.68 -27.94
CA GLY A 371 2.99 -3.94 -28.67
C GLY A 371 4.20 -4.84 -28.42
N ILE A 372 4.83 -4.73 -27.25
CA ILE A 372 6.01 -5.54 -26.90
C ILE A 372 5.57 -6.77 -26.09
N THR A 373 6.13 -7.96 -26.40
CA THR A 373 5.78 -9.19 -25.68
C THR A 373 6.52 -9.26 -24.34
N TYR A 374 5.96 -10.00 -23.39
CA TYR A 374 6.50 -10.09 -22.04
C TYR A 374 8.01 -10.38 -21.96
N THR A 375 8.51 -11.39 -22.69
CA THR A 375 9.92 -11.82 -22.67
C THR A 375 10.88 -10.95 -23.50
N ASP A 376 10.36 -9.97 -24.24
CA ASP A 376 11.19 -9.08 -25.04
C ASP A 376 11.69 -7.94 -24.16
N ARG A 377 12.99 -7.97 -23.82
CA ARG A 377 13.65 -7.01 -22.94
C ARG A 377 14.53 -5.95 -23.62
N ARG A 378 14.51 -5.89 -24.97
CA ARG A 378 15.31 -4.91 -25.69
C ARG A 378 15.01 -3.45 -25.24
N TRP A 379 13.75 -3.16 -24.85
CA TRP A 379 13.38 -1.82 -24.34
C TRP A 379 14.17 -1.41 -23.06
N CYS A 380 14.75 -2.38 -22.32
CA CYS A 380 15.51 -2.03 -21.10
C CYS A 380 16.88 -1.37 -21.40
N PHE A 381 17.29 -1.35 -22.65
CA PHE A 381 18.60 -0.89 -23.06
C PHE A 381 18.59 0.11 -24.21
N ASP A 382 17.43 0.41 -24.82
CA ASP A 382 17.43 1.30 -26.00
C ASP A 382 16.84 2.69 -25.77
N GLY A 383 16.85 3.15 -24.52
CA GLY A 383 16.39 4.50 -24.22
C GLY A 383 17.47 5.55 -24.39
N THR A 384 17.12 6.85 -24.25
CA THR A 384 18.11 7.93 -24.38
C THR A 384 19.16 7.89 -23.27
N THR A 385 20.31 8.58 -23.46
CA THR A 385 21.36 8.60 -22.45
C THR A 385 20.90 9.13 -21.09
N ASN A 386 19.91 10.06 -21.06
CA ASN A 386 19.44 10.59 -19.78
C ASN A 386 18.57 9.58 -18.99
N ASN A 387 18.16 8.47 -19.64
CA ASN A 387 17.44 7.39 -18.97
C ASN A 387 18.37 6.33 -18.37
N THR A 388 19.70 6.58 -18.36
CA THR A 388 20.69 5.68 -17.79
C THR A 388 20.41 5.52 -16.30
N ILE A 389 20.24 4.28 -15.83
CA ILE A 389 20.04 4.06 -14.40
C ILE A 389 21.42 4.03 -13.74
N MET A 390 21.59 4.78 -12.65
CA MET A 390 22.87 4.85 -11.95
C MET A 390 22.90 4.03 -10.67
N GLU A 391 24.04 3.37 -10.46
CA GLU A 391 24.28 2.59 -9.24
CA GLU A 391 24.31 2.56 -9.27
C GLU A 391 25.66 3.01 -8.74
N ASP A 392 25.77 3.36 -7.44
CA ASP A 392 27.04 3.81 -6.85
C ASP A 392 27.74 4.92 -7.67
N SER A 393 26.96 5.89 -8.20
CA SER A 393 27.43 7.01 -9.03
C SER A 393 28.07 6.61 -10.38
N VAL A 394 27.92 5.34 -10.80
CA VAL A 394 28.41 4.79 -12.08
C VAL A 394 27.20 4.12 -12.80
N PRO A 395 27.06 4.23 -14.14
CA PRO A 395 25.90 3.58 -14.81
C PRO A 395 25.74 2.11 -14.47
N ALA A 396 24.50 1.64 -14.22
CA ALA A 396 24.25 0.24 -13.89
C ALA A 396 24.43 -0.63 -15.11
N GLU A 397 25.08 -1.78 -14.94
CA GLU A 397 25.30 -2.70 -16.07
C GLU A 397 24.69 -4.06 -15.81
N VAL A 398 24.20 -4.75 -16.87
CA VAL A 398 23.69 -6.12 -16.74
C VAL A 398 24.15 -6.97 -17.95
N TRP A 399 24.19 -8.29 -17.76
CA TRP A 399 24.45 -9.17 -18.87
C TRP A 399 23.06 -9.48 -19.43
N THR A 400 22.84 -9.16 -20.71
CA THR A 400 21.59 -9.48 -21.38
C THR A 400 21.40 -11.01 -21.50
N LYS A 401 20.17 -11.44 -21.84
CA LYS A 401 19.89 -12.86 -22.09
C LYS A 401 20.74 -13.41 -23.26
N TYR A 402 21.35 -12.52 -24.07
CA TYR A 402 22.25 -12.89 -25.16
C TYR A 402 23.71 -13.08 -24.75
N GLY A 403 24.05 -12.74 -23.51
CA GLY A 403 25.42 -12.86 -23.03
C GLY A 403 26.25 -11.61 -23.28
N GLU A 404 25.60 -10.47 -23.56
CA GLU A 404 26.25 -9.20 -23.86
C GLU A 404 26.16 -8.25 -22.65
N LYS A 405 27.27 -7.59 -22.27
CA LYS A 405 27.23 -6.67 -21.12
C LYS A 405 26.73 -5.33 -21.63
N ARG A 406 25.63 -4.82 -21.07
CA ARG A 406 25.06 -3.56 -21.51
C ARG A 406 24.60 -2.70 -20.36
N VAL A 407 24.65 -1.36 -20.59
CA VAL A 407 24.21 -0.34 -19.66
C VAL A 407 22.68 -0.34 -19.63
N LEU A 408 22.15 -0.39 -18.41
CA LEU A 408 20.72 -0.36 -18.17
C LEU A 408 20.21 1.06 -18.53
N LYS A 409 19.39 1.17 -19.59
CA LYS A 409 18.96 2.46 -20.12
C LYS A 409 17.53 2.30 -20.68
N PRO A 410 16.54 2.20 -19.80
CA PRO A 410 15.17 1.90 -20.27
C PRO A 410 14.52 2.94 -21.17
N ARG A 411 13.75 2.48 -22.18
CA ARG A 411 13.01 3.34 -23.11
C ARG A 411 12.00 4.23 -22.37
N TRP A 412 11.43 3.71 -21.24
CA TRP A 412 10.55 4.46 -20.35
C TRP A 412 11.16 4.34 -18.98
N MET A 413 11.36 5.48 -18.37
CA MET A 413 12.00 5.57 -17.07
C MET A 413 10.98 5.74 -15.93
N ASP A 414 10.98 4.83 -14.98
CA ASP A 414 10.09 4.93 -13.82
C ASP A 414 10.99 4.80 -12.59
N ALA A 415 11.19 5.90 -11.86
CA ALA A 415 12.05 5.98 -10.66
C ALA A 415 11.82 4.90 -9.63
N ARG A 416 10.64 4.26 -9.64
CA ARG A 416 10.35 3.22 -8.67
C ARG A 416 11.17 1.95 -8.91
N VAL A 417 11.65 1.71 -10.14
CA VAL A 417 12.44 0.51 -10.41
C VAL A 417 13.85 0.57 -9.83
N CYS A 418 14.28 1.73 -9.32
CA CYS A 418 15.61 1.93 -8.74
C CYS A 418 15.57 2.89 -7.53
N SER A 419 14.47 2.90 -6.76
CA SER A 419 14.28 3.78 -5.60
C SER A 419 15.16 3.40 -4.37
N ASP A 420 15.62 2.15 -4.33
CA ASP A 420 16.51 1.61 -3.30
C ASP A 420 17.36 0.45 -3.87
N HIS A 421 18.29 -0.13 -3.08
CA HIS A 421 19.14 -1.22 -3.59
C HIS A 421 18.32 -2.45 -4.02
N ALA A 422 17.31 -2.84 -3.22
CA ALA A 422 16.45 -3.98 -3.51
C ALA A 422 15.65 -3.81 -4.80
N ALA A 423 15.08 -2.60 -5.04
CA ALA A 423 14.33 -2.34 -6.27
C ALA A 423 15.24 -2.50 -7.50
N LEU A 424 16.42 -1.84 -7.53
CA LEU A 424 17.34 -1.92 -8.67
C LEU A 424 17.85 -3.35 -8.91
N LYS A 425 18.13 -4.12 -7.86
CA LYS A 425 18.59 -5.50 -8.01
C LYS A 425 17.52 -6.33 -8.74
N SER A 426 16.23 -6.12 -8.39
CA SER A 426 15.11 -6.82 -9.00
C SER A 426 14.95 -6.37 -10.48
N PHE A 427 15.11 -5.08 -10.76
CA PHE A 427 14.97 -4.57 -12.13
C PHE A 427 16.10 -5.04 -13.03
N LYS A 428 17.31 -5.22 -12.48
CA LYS A 428 18.44 -5.75 -13.24
C LYS A 428 18.17 -7.21 -13.64
N GLU A 429 17.56 -8.00 -12.72
CA GLU A 429 17.17 -9.41 -12.96
C GLU A 429 16.12 -9.47 -14.06
N PHE A 430 15.17 -8.53 -14.08
CA PHE A 430 14.18 -8.44 -15.14
C PHE A 430 14.84 -8.13 -16.49
N ALA A 431 15.69 -7.06 -16.53
CA ALA A 431 16.38 -6.66 -17.77
C ALA A 431 17.23 -7.80 -18.37
N ALA A 432 17.78 -8.64 -17.50
CA ALA A 432 18.61 -9.80 -17.85
C ALA A 432 17.79 -11.02 -18.35
N GLY A 433 16.47 -10.99 -18.19
CA GLY A 433 15.59 -12.09 -18.58
C GLY A 433 15.56 -13.21 -17.55
N LYS A 434 15.79 -12.88 -16.28
CA LYS A 434 15.79 -13.88 -15.20
C LYS A 434 14.39 -14.21 -14.66
N ARG A 435 13.35 -13.48 -15.09
CA ARG A 435 11.96 -13.81 -14.75
C ARG A 435 10.99 -13.31 -15.82
C1 EDO B . 1.40 -4.77 0.42
O1 EDO B . 1.95 -3.50 0.11
C2 EDO B . 2.46 -5.63 1.07
O2 EDO B . 1.93 -6.92 1.32
P PO4 C . -9.59 -0.67 15.02
O1 PO4 C . -9.57 -1.80 14.00
O2 PO4 C . -10.90 0.13 14.87
O3 PO4 C . -8.39 0.27 14.77
O4 PO4 C . -9.50 -1.23 16.47
P PO4 D . 7.11 3.59 -3.31
O1 PO4 D . 6.74 3.47 -4.76
O2 PO4 D . 8.64 3.72 -3.16
O3 PO4 D . 6.45 4.84 -2.69
O4 PO4 D . 6.65 2.35 -2.53
C1 MPD E . -1.81 -4.18 -9.49
C2 MPD E . -1.59 -5.68 -9.30
O2 MPD E . -0.19 -5.84 -9.00
CM MPD E . -2.37 -6.18 -8.09
C3 MPD E . -2.01 -6.44 -10.55
C4 MPD E . -1.21 -7.63 -11.02
O4 MPD E . -0.60 -8.34 -9.93
C5 MPD E . -2.05 -8.57 -11.86
N1 LL0 F . -21.63 -20.07 6.53
C4 LL0 F . -25.50 -23.30 5.01
C5 LL0 F . -24.60 -24.17 5.61
C6 LL0 F . -23.43 -23.67 6.19
C7 LL0 F . -22.58 -25.79 6.82
S1 LL0 F . -21.74 -21.62 6.91
O1 LL0 F . -20.61 -22.27 6.34
O2 LL0 F . -21.94 -21.69 8.34
C1 LL0 F . -23.19 -22.29 6.16
C2 LL0 F . -24.11 -21.43 5.57
C3 LL0 F . -25.25 -21.95 4.97
O3 LL0 F . -22.48 -24.45 6.81
F1 LL0 F . -22.32 -26.27 5.60
F2 LL0 F . -21.61 -26.29 7.59
#